data_5EHX
#
_entry.id   5EHX
#
_cell.length_a   112.270
_cell.length_b   112.270
_cell.length_c   136.840
_cell.angle_alpha   90.000
_cell.angle_beta   90.000
_cell.angle_gamma   120.000
#
_symmetry.space_group_name_H-M   'P 31 2 1'
#
loop_
_entity.id
_entity.type
_entity.pdbx_description
1 polymer Acetylcholinesterase
2 branched 2-acetamido-2-deoxy-beta-D-glucopyranose-(1-4)-2-acetamido-2-deoxy-beta-D-glucopyranose
3 non-polymer 2-acetamido-2-deoxy-beta-D-glucopyranose
4 non-polymer 'methanesulfonic acid'
5 non-polymer 3,6,9,12,15-PENTAOXAHEPTADECAN-1-OL
6 water water
#
_entity_poly.entity_id   1
_entity_poly.type   'polypeptide(L)'
_entity_poly.pdbx_seq_one_letter_code
;SELLVNTKSGKVMGTRVPVLSSHISAFLGIPFAEPPVGNMRFRRPEPKKPWSGVWNASTYPNNCQQYVDEQFPGFSGSEM
WNPNREMSEDCLYLNIWVPSPRPKSTTVMVWIYGGGFYSGSSTLDVYNGKYLAYTEEVVLVSLSYRVGAFGFLALHGSQE
APGNVGLLDQRMALQWVHDNIQFFGGDPKTVTIFGESAGGASVGMHILSPGSRDLFRRAILQSGSPNCPWASVSVAEGRR
RAVELGRNLNCNLNSDEELIHCLREKKPQELIDVEWNVLPFDSIFRFSFVPVIDGEFFPTSLESMLNSGNFKKTQILLGV
NKDEGSFFLLYGAPGFSKDSESKISREDFMSGVKLSVPHANDLGLDAVTLQYTDWMDDNNGIKNRDGLDDIVGDHNVICP
LMHFVNKYTKFGNGTYLYFFNHRASNLVWPEWMGVIHGYEIEFVFGLPLVKELNYTAEEEALSRRIMHYWATFAKTGNPN
EPHSQESKWPLFTTKEQKFIDLNTEPMKVHQRLRVQMCVFWNQFLPKLLNAT
;
_entity_poly.pdbx_strand_id   A
#
loop_
_chem_comp.id
_chem_comp.type
_chem_comp.name
_chem_comp.formula
03S non-polymer 'methanesulfonic acid' 'C H4 O3 S'
AE4 non-polymer 3,6,9,12,15-PENTAOXAHEPTADECAN-1-OL 'C12 H26 O6'
NAG D-saccharide, beta linking 2-acetamido-2-deoxy-beta-D-glucopyranose 'C8 H15 N O6'
#
# COMPACT_ATOMS: atom_id res chain seq x y z
N SER A 1 -14.57 -32.56 -5.10
CA SER A 1 -14.24 -31.89 -6.40
C SER A 1 -13.27 -30.71 -6.17
N GLU A 2 -12.64 -30.27 -7.24
CA GLU A 2 -11.54 -29.32 -7.16
C GLU A 2 -12.01 -27.95 -6.58
N LEU A 3 -13.30 -27.67 -6.69
CA LEU A 3 -13.88 -26.39 -6.32
C LEU A 3 -14.50 -26.41 -4.93
N LEU A 4 -14.52 -27.57 -4.28
CA LEU A 4 -15.03 -27.65 -2.92
C LEU A 4 -13.85 -27.79 -1.97
N VAL A 5 -13.79 -26.93 -0.95
CA VAL A 5 -12.64 -26.93 -0.03
C VAL A 5 -13.18 -26.83 1.34
N ASN A 6 -12.76 -27.78 2.21
CA ASN A 6 -13.18 -27.76 3.59
C ASN A 6 -12.12 -27.05 4.44
N THR A 7 -12.52 -26.05 5.18
CA THR A 7 -11.58 -25.24 5.94
C THR A 7 -12.05 -25.39 7.36
N LYS A 8 -11.30 -24.86 8.28
CA LYS A 8 -11.70 -24.84 9.69
C LYS A 8 -12.84 -23.92 10.04
N SER A 9 -13.24 -23.04 9.12
CA SER A 9 -14.44 -22.18 9.30
C SER A 9 -15.67 -22.79 8.63
N GLY A 10 -15.40 -23.79 7.79
CA GLY A 10 -16.45 -24.46 7.06
C GLY A 10 -16.10 -24.65 5.62
N LYS A 11 -17.06 -25.20 4.89
CA LYS A 11 -16.86 -25.50 3.49
C LYS A 11 -17.07 -24.26 2.62
N VAL A 12 -16.39 -24.25 1.50
CA VAL A 12 -16.33 -23.14 0.59
C VAL A 12 -16.40 -23.72 -0.79
N MET A 13 -17.24 -23.13 -1.66
CA MET A 13 -17.28 -23.54 -3.07
C MET A 13 -16.84 -22.42 -4.00
N GLY A 14 -15.84 -22.72 -4.78
CA GLY A 14 -15.25 -21.75 -5.66
C GLY A 14 -15.83 -21.81 -7.04
N THR A 15 -15.11 -21.22 -7.98
CA THR A 15 -15.61 -21.17 -9.34
C THR A 15 -14.46 -21.29 -10.23
N ARG A 16 -14.70 -21.83 -11.42
CA ARG A 16 -13.63 -22.11 -12.40
C ARG A 16 -13.51 -20.87 -13.30
N VAL A 17 -12.30 -20.41 -13.50
CA VAL A 17 -12.09 -19.09 -14.05
C VAL A 17 -11.15 -19.27 -15.21
N PRO A 18 -11.49 -18.68 -16.39
CA PRO A 18 -10.58 -18.80 -17.53
C PRO A 18 -9.45 -17.82 -17.37
N VAL A 19 -8.27 -18.19 -17.88
CA VAL A 19 -7.12 -17.34 -17.82
C VAL A 19 -6.17 -17.79 -18.92
N LEU A 20 -5.87 -16.87 -19.85
CA LEU A 20 -4.95 -17.12 -20.94
C LEU A 20 -5.05 -18.51 -21.62
N SER A 21 -6.26 -18.91 -22.01
CA SER A 21 -6.48 -20.22 -22.72
C SER A 21 -6.51 -21.43 -21.80
N SER A 22 -6.64 -21.22 -20.50
CA SER A 22 -6.57 -22.33 -19.55
C SER A 22 -7.51 -21.94 -18.47
N HIS A 23 -7.43 -22.54 -17.28
CA HIS A 23 -8.44 -22.26 -16.27
C HIS A 23 -7.79 -22.47 -14.88
N ILE A 24 -8.30 -21.82 -13.85
CA ILE A 24 -7.84 -22.07 -12.51
C ILE A 24 -9.03 -21.93 -11.67
N SER A 25 -8.85 -22.07 -10.38
CA SER A 25 -10.04 -21.99 -9.52
C SER A 25 -9.93 -20.69 -8.74
N ALA A 26 -11.06 -20.11 -8.41
CA ALA A 26 -11.08 -18.90 -7.64
C ALA A 26 -12.07 -19.12 -6.56
N PHE A 27 -11.71 -18.66 -5.36
CA PHE A 27 -12.63 -18.66 -4.23
C PHE A 27 -12.68 -17.23 -3.73
N LEU A 28 -13.78 -16.55 -3.99
CA LEU A 28 -13.86 -15.08 -3.87
C LEU A 28 -14.82 -14.83 -2.77
N GLY A 29 -14.58 -13.79 -1.98
CA GLY A 29 -15.57 -13.37 -1.01
C GLY A 29 -15.66 -14.32 0.19
N ILE A 30 -14.55 -14.94 0.63
CA ILE A 30 -14.54 -15.74 1.86
C ILE A 30 -14.46 -14.88 3.09
N PRO A 31 -15.37 -15.04 4.05
CA PRO A 31 -15.30 -14.15 5.23
C PRO A 31 -14.20 -14.59 6.21
N PHE A 32 -13.51 -13.64 6.86
CA PHE A 32 -12.46 -13.99 7.79
C PHE A 32 -12.68 -13.36 9.13
N ALA A 33 -13.75 -12.56 9.25
CA ALA A 33 -14.04 -11.88 10.48
C ALA A 33 -15.54 -11.74 10.57
N GLU A 34 -16.04 -11.44 11.77
CA GLU A 34 -17.45 -11.09 11.93
C GLU A 34 -17.65 -9.70 11.27
N PRO A 35 -18.79 -9.46 10.63
CA PRO A 35 -19.07 -8.08 10.12
C PRO A 35 -18.85 -7.00 11.19
N PRO A 36 -17.98 -5.99 10.94
CA PRO A 36 -17.73 -5.03 12.00
C PRO A 36 -18.79 -3.85 12.04
N VAL A 37 -20.02 -4.21 12.38
CA VAL A 37 -21.21 -3.37 12.16
C VAL A 37 -21.84 -3.07 13.47
N GLY A 38 -22.60 -1.98 13.51
CA GLY A 38 -23.33 -1.60 14.69
C GLY A 38 -22.42 -1.18 15.79
N ASN A 39 -22.65 -1.71 16.98
CA ASN A 39 -21.72 -1.53 18.09
C ASN A 39 -20.29 -2.08 17.93
N MET A 40 -20.01 -2.81 16.86
CA MET A 40 -18.62 -3.23 16.56
C MET A 40 -17.88 -2.30 15.58
N ARG A 41 -18.59 -1.28 15.06
CA ARG A 41 -17.89 -0.20 14.32
C ARG A 41 -16.80 0.42 15.21
N PHE A 42 -15.61 0.56 14.67
CA PHE A 42 -14.42 1.04 15.36
C PHE A 42 -13.69 0.02 16.25
N ARG A 43 -14.32 -1.11 16.54
CA ARG A 43 -13.70 -2.19 17.32
C ARG A 43 -12.72 -3.09 16.58
N ARG A 44 -11.83 -3.66 17.36
CA ARG A 44 -10.98 -4.72 16.84
C ARG A 44 -11.82 -5.81 16.15
N PRO A 45 -11.31 -6.39 15.06
CA PRO A 45 -12.12 -7.39 14.51
C PRO A 45 -12.25 -8.68 15.41
N GLU A 46 -13.33 -9.42 15.27
CA GLU A 46 -13.54 -10.73 15.92
C GLU A 46 -13.52 -11.85 14.85
N PRO A 47 -13.02 -13.06 15.20
CA PRO A 47 -12.90 -14.12 14.20
C PRO A 47 -14.24 -14.49 13.70
N LYS A 48 -14.33 -14.87 12.46
CA LYS A 48 -15.60 -15.31 11.88
C LYS A 48 -16.06 -16.65 12.49
N LYS A 49 -17.26 -16.70 13.06
CA LYS A 49 -17.86 -17.94 13.50
C LYS A 49 -18.05 -18.94 12.39
N PRO A 50 -17.76 -20.20 12.68
CA PRO A 50 -17.79 -21.15 11.58
C PRO A 50 -19.20 -21.35 11.11
N TRP A 51 -19.35 -21.77 9.87
CA TRP A 51 -20.69 -21.86 9.28
C TRP A 51 -20.94 -23.31 8.92
N SER A 52 -22.21 -23.72 9.02
CA SER A 52 -22.74 -24.94 8.40
C SER A 52 -22.92 -24.76 6.92
N GLY A 53 -23.06 -25.84 6.17
CA GLY A 53 -23.36 -25.70 4.74
C GLY A 53 -22.11 -25.24 4.01
N VAL A 54 -22.29 -24.90 2.73
CA VAL A 54 -21.24 -24.58 1.76
C VAL A 54 -21.33 -23.11 1.47
N TRP A 55 -20.23 -22.40 1.63
CA TRP A 55 -20.22 -20.96 1.46
C TRP A 55 -19.97 -20.76 0.00
N ASN A 56 -20.70 -20.12 -0.64
CA ASN A 56 -20.64 -19.83 -2.08
C ASN A 56 -19.47 -18.84 -2.30
N ALA A 57 -18.52 -19.09 -2.76
CA ALA A 57 -17.38 -18.17 -2.98
C ALA A 57 -17.14 -18.02 -4.43
N SER A 58 -18.23 -17.78 -5.18
CA SER A 58 -18.15 -17.67 -6.65
C SER A 58 -18.06 -16.21 -7.16
N THR A 59 -18.43 -15.24 -6.33
CA THR A 59 -18.40 -13.83 -6.71
C THR A 59 -17.67 -12.95 -5.70
N TYR A 60 -17.11 -11.85 -6.19
CA TYR A 60 -16.50 -10.85 -5.29
C TYR A 60 -17.41 -10.32 -4.22
N PRO A 61 -16.86 -9.98 -3.08
CA PRO A 61 -17.59 -9.43 -2.02
C PRO A 61 -17.76 -7.87 -2.16
N ASN A 62 -18.49 -7.28 -1.23
CA ASN A 62 -18.57 -5.83 -1.07
C ASN A 62 -17.19 -5.22 -0.81
N ASN A 63 -17.06 -3.92 -1.06
CA ASN A 63 -15.83 -3.23 -0.81
C ASN A 63 -16.16 -2.45 0.45
N CYS A 64 -15.14 -2.11 1.23
CA CYS A 64 -15.35 -1.34 2.45
C CYS A 64 -15.85 0.11 2.14
N GLN A 65 -16.60 0.69 3.06
CA GLN A 65 -17.10 2.07 2.94
C GLN A 65 -15.88 3.00 2.85
N GLN A 66 -15.92 3.89 1.87
CA GLN A 66 -14.76 4.72 1.56
C GLN A 66 -15.16 5.94 0.69
N TYR A 67 -14.31 6.98 0.79
CA TYR A 67 -14.25 8.09 -0.18
C TYR A 67 -14.11 7.56 -1.58
N VAL A 68 -14.93 8.09 -2.50
CA VAL A 68 -14.92 7.71 -3.91
C VAL A 68 -14.45 8.95 -4.74
N ASP A 69 -13.34 8.79 -5.44
CA ASP A 69 -12.75 9.83 -6.32
C ASP A 69 -13.76 10.08 -7.45
N GLU A 70 -14.26 11.31 -7.57
CA GLU A 70 -15.15 11.69 -8.69
C GLU A 70 -14.57 12.88 -9.42
N GLN A 71 -13.27 13.06 -9.28
CA GLN A 71 -12.59 14.16 -9.89
C GLN A 71 -12.64 14.14 -11.42
N PHE A 72 -12.61 12.97 -12.04
CA PHE A 72 -12.67 12.85 -13.48
C PHE A 72 -13.68 11.75 -13.87
N PRO A 73 -14.98 12.05 -13.82
CA PRO A 73 -16.00 11.01 -14.06
C PRO A 73 -15.88 10.41 -15.42
N GLY A 74 -16.02 9.08 -15.49
CA GLY A 74 -15.77 8.34 -16.71
C GLY A 74 -14.32 8.16 -17.19
N PHE A 75 -13.36 8.66 -16.45
CA PHE A 75 -12.01 8.58 -16.88
C PHE A 75 -11.40 7.30 -16.24
N SER A 76 -10.86 6.44 -17.05
CA SER A 76 -10.53 5.12 -16.58
C SER A 76 -9.30 5.19 -15.65
N GLY A 77 -8.44 6.18 -15.91
CA GLY A 77 -7.28 6.42 -15.05
C GLY A 77 -7.55 6.54 -13.54
N SER A 78 -8.65 7.20 -13.20
CA SER A 78 -9.00 7.44 -11.83
C SER A 78 -9.99 6.38 -11.32
N GLU A 79 -10.85 5.96 -12.23
CA GLU A 79 -11.93 5.04 -11.87
C GLU A 79 -11.49 3.60 -11.70
N MET A 80 -10.34 3.24 -12.26
CA MET A 80 -9.77 1.92 -12.07
C MET A 80 -9.42 1.61 -10.57
N TRP A 81 -9.42 2.65 -9.71
CA TRP A 81 -9.08 2.61 -8.30
C TRP A 81 -10.28 2.72 -7.34
N ASN A 82 -11.44 3.10 -7.85
CA ASN A 82 -12.62 3.22 -7.06
C ASN A 82 -13.23 1.84 -6.88
N PRO A 83 -14.10 1.71 -5.90
CA PRO A 83 -14.88 0.51 -5.61
C PRO A 83 -15.62 0.12 -6.83
N ASN A 84 -15.52 -1.15 -7.21
CA ASN A 84 -16.32 -1.66 -8.29
C ASN A 84 -17.39 -2.61 -7.77
N ARG A 85 -17.62 -2.66 -6.47
CA ARG A 85 -18.73 -3.43 -5.98
C ARG A 85 -19.46 -2.51 -5.03
N GLU A 86 -20.60 -2.92 -4.55
CA GLU A 86 -21.25 -2.14 -3.53
C GLU A 86 -20.34 -2.02 -2.34
N MET A 87 -20.48 -0.89 -1.69
CA MET A 87 -19.81 -0.62 -0.49
C MET A 87 -20.68 -1.04 0.66
N SER A 88 -20.02 -1.53 1.71
CA SER A 88 -20.69 -1.96 2.95
C SER A 88 -19.71 -1.96 4.12
N GLU A 89 -20.15 -1.67 5.34
CA GLU A 89 -19.33 -1.98 6.50
C GLU A 89 -19.05 -3.51 6.67
N ASP A 90 -19.86 -4.32 6.00
CA ASP A 90 -19.68 -5.75 6.00
C ASP A 90 -18.80 -6.07 4.86
N CYS A 91 -17.50 -6.00 5.10
CA CYS A 91 -16.53 -6.00 4.00
C CYS A 91 -15.25 -6.76 4.27
N LEU A 92 -15.22 -7.56 5.34
CA LEU A 92 -14.01 -8.27 5.73
C LEU A 92 -13.99 -9.65 5.12
N TYR A 93 -13.51 -9.71 3.90
CA TYR A 93 -13.47 -10.88 3.07
C TYR A 93 -12.12 -11.01 2.42
N LEU A 94 -11.80 -12.23 1.99
CA LEU A 94 -10.63 -12.46 1.17
C LEU A 94 -10.91 -13.30 -0.04
N ASN A 95 -9.98 -13.31 -0.98
CA ASN A 95 -10.17 -13.97 -2.23
C ASN A 95 -8.95 -14.80 -2.47
N ILE A 96 -9.08 -15.97 -3.10
CA ILE A 96 -7.94 -16.85 -3.32
C ILE A 96 -7.95 -17.38 -4.72
N TRP A 97 -6.86 -17.29 -5.45
CA TRP A 97 -6.80 -17.91 -6.74
C TRP A 97 -5.90 -19.14 -6.65
N VAL A 98 -6.38 -20.29 -7.09
CA VAL A 98 -5.63 -21.55 -6.89
C VAL A 98 -5.36 -22.23 -8.21
N PRO A 99 -4.10 -22.56 -8.53
CA PRO A 99 -3.85 -23.31 -9.73
C PRO A 99 -4.70 -24.61 -9.86
N SER A 100 -4.82 -25.06 -11.10
CA SER A 100 -5.57 -26.26 -11.43
C SER A 100 -4.66 -27.13 -12.25
N PRO A 101 -4.44 -28.37 -11.81
CA PRO A 101 -5.03 -29.01 -10.63
C PRO A 101 -4.51 -28.39 -9.30
N ARG A 102 -5.31 -28.54 -8.25
CA ARG A 102 -4.99 -28.03 -6.92
C ARG A 102 -3.63 -28.48 -6.51
N PRO A 103 -2.72 -27.54 -6.16
CA PRO A 103 -1.41 -28.00 -5.63
C PRO A 103 -1.56 -28.62 -4.23
N LYS A 104 -0.47 -29.16 -3.77
CA LYS A 104 -0.34 -29.82 -2.49
C LYS A 104 0.29 -28.85 -1.51
N SER A 105 1.31 -28.14 -1.93
CA SER A 105 1.99 -27.27 -0.99
C SER A 105 2.82 -26.25 -1.70
N THR A 106 2.15 -25.22 -2.18
CA THR A 106 2.85 -24.24 -2.98
C THR A 106 2.92 -22.87 -2.27
N THR A 107 3.91 -22.11 -2.66
CA THR A 107 4.10 -20.71 -2.27
C THR A 107 2.79 -19.89 -2.32
N VAL A 108 2.60 -19.11 -1.29
CA VAL A 108 1.40 -18.33 -1.13
C VAL A 108 1.86 -16.86 -1.13
N MET A 109 1.13 -15.98 -1.86
CA MET A 109 1.35 -14.51 -1.89
C MET A 109 0.05 -13.86 -1.50
N VAL A 110 0.11 -12.99 -0.48
CA VAL A 110 -1.06 -12.36 0.04
C VAL A 110 -0.92 -10.86 -0.30
N TRP A 111 -1.86 -10.33 -1.06
CA TRP A 111 -1.83 -8.91 -1.52
C TRP A 111 -2.59 -8.02 -0.58
N ILE A 112 -1.93 -6.94 -0.19
CA ILE A 112 -2.55 -5.93 0.67
C ILE A 112 -2.67 -4.60 -0.12
N TYR A 113 -3.90 -4.19 -0.44
CA TYR A 113 -4.10 -3.00 -1.26
C TYR A 113 -3.72 -1.68 -0.56
N GLY A 114 -3.25 -0.76 -1.38
CA GLY A 114 -3.08 0.65 -0.97
C GLY A 114 -4.35 1.46 -1.13
N GLY A 115 -4.16 2.78 -1.08
CA GLY A 115 -5.26 3.74 -0.95
C GLY A 115 -5.14 4.73 0.19
N GLY A 116 -3.93 5.02 0.67
CA GLY A 116 -3.74 6.05 1.69
C GLY A 116 -4.41 5.77 3.03
N PHE A 117 -4.83 4.52 3.24
CA PHE A 117 -5.59 4.15 4.44
C PHE A 117 -7.00 4.71 4.47
N TYR A 118 -7.42 5.40 3.40
CA TYR A 118 -8.77 5.95 3.32
C TYR A 118 -9.58 5.30 2.21
N SER A 119 -8.93 4.46 1.40
CA SER A 119 -9.59 3.85 0.31
C SER A 119 -8.90 2.55 -0.05
N GLY A 120 -9.47 1.89 -1.01
CA GLY A 120 -8.90 0.71 -1.61
C GLY A 120 -9.91 -0.44 -1.58
N SER A 121 -9.72 -1.35 -2.52
CA SER A 121 -10.58 -2.51 -2.74
C SER A 121 -9.73 -3.71 -3.21
N SER A 122 -10.12 -4.91 -2.78
CA SER A 122 -9.43 -6.11 -3.14
C SER A 122 -9.87 -6.59 -4.50
N THR A 123 -10.97 -6.03 -4.99
CA THR A 123 -11.70 -6.53 -6.17
C THR A 123 -11.42 -5.80 -7.45
N LEU A 124 -10.43 -4.92 -7.50
CA LEU A 124 -10.19 -4.11 -8.66
C LEU A 124 -9.64 -4.96 -9.77
N ASP A 125 -9.94 -4.61 -11.00
CA ASP A 125 -9.47 -5.34 -12.18
C ASP A 125 -7.94 -5.42 -12.19
N VAL A 126 -7.29 -4.38 -11.67
CA VAL A 126 -5.81 -4.41 -11.69
C VAL A 126 -5.19 -5.36 -10.61
N TYR A 127 -6.05 -5.84 -9.70
CA TYR A 127 -5.61 -6.78 -8.65
C TYR A 127 -6.19 -8.21 -8.87
N ASN A 128 -6.65 -8.50 -10.08
CA ASN A 128 -7.11 -9.83 -10.44
C ASN A 128 -5.94 -10.82 -10.36
N GLY A 129 -5.96 -11.69 -9.35
CA GLY A 129 -4.83 -12.59 -9.12
C GLY A 129 -4.63 -13.80 -10.05
N LYS A 130 -5.56 -13.99 -10.97
CA LYS A 130 -5.55 -15.20 -11.79
C LYS A 130 -4.37 -15.26 -12.72
N TYR A 131 -3.82 -14.13 -13.21
CA TYR A 131 -2.74 -14.23 -14.14
C TYR A 131 -1.47 -14.71 -13.43
N LEU A 132 -1.27 -14.22 -12.22
CA LEU A 132 -0.07 -14.50 -11.42
C LEU A 132 -0.16 -15.91 -10.78
N ALA A 133 -1.33 -16.24 -10.24
CA ALA A 133 -1.55 -17.57 -9.73
C ALA A 133 -1.25 -18.56 -10.86
N TYR A 134 -1.93 -18.36 -11.98
CA TYR A 134 -1.72 -19.19 -13.13
C TYR A 134 -0.32 -19.24 -13.61
N THR A 135 0.35 -18.10 -13.80
CA THR A 135 1.64 -18.13 -14.55
C THR A 135 2.79 -18.62 -13.69
N GLU A 136 2.79 -18.29 -12.40
CA GLU A 136 3.90 -18.62 -11.51
C GLU A 136 3.57 -19.77 -10.59
N GLU A 137 2.36 -20.30 -10.73
CA GLU A 137 1.93 -21.44 -9.93
C GLU A 137 2.05 -21.13 -8.43
N VAL A 138 1.43 -20.03 -7.99
CA VAL A 138 1.34 -19.73 -6.61
C VAL A 138 -0.13 -19.69 -6.26
N VAL A 139 -0.40 -19.77 -4.98
CA VAL A 139 -1.71 -19.52 -4.47
C VAL A 139 -1.74 -18.05 -4.12
N LEU A 140 -2.65 -17.29 -4.71
CA LEU A 140 -2.67 -15.79 -4.54
C LEU A 140 -3.87 -15.38 -3.72
N VAL A 141 -3.64 -14.71 -2.61
CA VAL A 141 -4.73 -14.30 -1.75
C VAL A 141 -4.77 -12.78 -1.88
N SER A 142 -5.96 -12.22 -1.89
CA SER A 142 -6.11 -10.80 -1.60
C SER A 142 -7.01 -10.66 -0.44
N LEU A 143 -6.56 -9.85 0.53
CA LEU A 143 -7.41 -9.55 1.71
C LEU A 143 -8.06 -8.14 1.60
N SER A 144 -8.85 -7.80 2.60
CA SER A 144 -9.42 -6.50 2.76
C SER A 144 -9.26 -6.12 4.17
N TYR A 145 -9.47 -4.84 4.38
CA TYR A 145 -9.33 -4.23 5.68
C TYR A 145 -10.11 -2.91 5.67
N ARG A 146 -10.64 -2.58 6.83
CA ARG A 146 -11.36 -1.34 7.04
C ARG A 146 -10.41 -0.12 6.82
N VAL A 147 -10.92 0.86 6.08
CA VAL A 147 -10.16 2.11 5.76
C VAL A 147 -10.92 3.32 6.32
N GLY A 148 -10.25 4.47 6.34
CA GLY A 148 -10.89 5.69 6.87
C GLY A 148 -11.10 5.57 8.32
N ALA A 149 -12.08 6.30 8.81
CA ALA A 149 -12.40 6.33 10.21
C ALA A 149 -12.82 4.93 10.73
N PHE A 150 -13.48 4.16 9.87
CA PHE A 150 -13.91 2.81 10.18
C PHE A 150 -12.73 1.90 10.60
N GLY A 151 -11.57 2.09 9.98
CA GLY A 151 -10.33 1.38 10.18
C GLY A 151 -9.36 2.00 11.13
N PHE A 152 -9.36 3.33 11.21
CA PHE A 152 -8.27 4.02 11.87
C PHE A 152 -8.64 5.14 12.86
N LEU A 153 -9.94 5.29 13.17
CA LEU A 153 -10.32 6.27 14.17
C LEU A 153 -9.66 5.87 15.46
N ALA A 154 -9.02 6.79 16.16
CA ALA A 154 -8.19 6.39 17.31
C ALA A 154 -8.41 7.22 18.53
N LEU A 155 -9.06 6.62 19.54
CA LEU A 155 -9.24 7.23 20.87
C LEU A 155 -8.48 6.41 21.90
N HIS A 156 -7.18 6.62 21.93
CA HIS A 156 -6.32 5.75 22.68
C HIS A 156 -6.75 5.82 24.14
N GLY A 157 -6.87 4.64 24.75
CA GLY A 157 -7.36 4.56 26.11
C GLY A 157 -8.70 3.91 26.12
N SER A 158 -9.45 4.03 25.04
CA SER A 158 -10.72 3.39 24.90
C SER A 158 -10.53 1.98 24.28
N GLN A 159 -11.40 1.03 24.64
CA GLN A 159 -11.39 -0.30 24.00
C GLN A 159 -12.40 -0.36 22.86
N GLU A 160 -13.24 0.67 22.80
CA GLU A 160 -14.31 0.71 21.85
C GLU A 160 -13.84 1.24 20.49
N ALA A 161 -12.87 2.16 20.50
CA ALA A 161 -12.21 2.65 19.26
C ALA A 161 -10.71 2.89 19.55
N PRO A 162 -9.92 1.83 19.69
CA PRO A 162 -8.54 2.00 20.12
C PRO A 162 -7.60 2.43 19.01
N GLY A 163 -8.02 2.44 17.73
CA GLY A 163 -7.00 2.72 16.70
C GLY A 163 -6.50 1.39 16.12
N ASN A 164 -5.92 1.47 14.93
CA ASN A 164 -5.29 0.38 14.26
C ASN A 164 -6.14 -0.79 13.90
N VAL A 165 -7.47 -0.65 13.93
CA VAL A 165 -8.28 -1.84 13.74
C VAL A 165 -8.24 -2.34 12.30
N GLY A 166 -7.98 -1.45 11.35
CA GLY A 166 -7.71 -1.87 9.98
C GLY A 166 -6.46 -2.76 9.86
N LEU A 167 -5.42 -2.42 10.57
CA LEU A 167 -4.21 -3.27 10.62
C LEU A 167 -4.55 -4.64 11.28
N LEU A 168 -5.37 -4.62 12.33
CA LEU A 168 -5.91 -5.89 12.94
C LEU A 168 -6.78 -6.66 11.96
N ASP A 169 -7.54 -6.00 11.04
CA ASP A 169 -8.23 -6.78 10.01
C ASP A 169 -7.23 -7.51 9.17
N GLN A 170 -6.18 -6.80 8.79
CA GLN A 170 -5.22 -7.41 7.91
C GLN A 170 -4.60 -8.62 8.66
N ARG A 171 -4.21 -8.41 9.91
CA ARG A 171 -3.59 -9.47 10.75
C ARG A 171 -4.53 -10.69 10.78
N MET A 172 -5.82 -10.45 11.02
CA MET A 172 -6.75 -11.50 11.09
C MET A 172 -6.86 -12.31 9.84
N ALA A 173 -6.82 -11.67 8.69
CA ALA A 173 -6.79 -12.42 7.45
C ALA A 173 -5.51 -13.23 7.34
N LEU A 174 -4.38 -12.66 7.75
CA LEU A 174 -3.13 -13.42 7.73
C LEU A 174 -3.19 -14.67 8.67
N GLN A 175 -3.91 -14.55 9.77
CA GLN A 175 -4.15 -15.64 10.72
C GLN A 175 -4.97 -16.70 10.05
N TRP A 176 -6.01 -16.28 9.37
CA TRP A 176 -6.82 -17.23 8.65
C TRP A 176 -6.03 -17.94 7.56
N VAL A 177 -5.25 -17.21 6.80
CA VAL A 177 -4.40 -17.86 5.80
C VAL A 177 -3.42 -18.90 6.52
N HIS A 178 -2.86 -18.49 7.62
CA HIS A 178 -1.95 -19.36 8.31
C HIS A 178 -2.69 -20.66 8.68
N ASP A 179 -3.87 -20.52 9.24
CA ASP A 179 -4.66 -21.60 9.69
C ASP A 179 -5.31 -22.48 8.61
N ASN A 180 -5.61 -21.93 7.41
CA ASN A 180 -6.42 -22.61 6.45
C ASN A 180 -5.90 -22.77 5.06
N ILE A 181 -4.82 -22.08 4.70
CA ILE A 181 -4.42 -22.09 3.26
C ILE A 181 -3.94 -23.48 2.82
N GLN A 182 -3.57 -24.31 3.79
CA GLN A 182 -3.10 -25.66 3.44
C GLN A 182 -4.21 -26.43 2.72
N PHE A 183 -5.46 -26.13 3.04
CA PHE A 183 -6.58 -26.85 2.44
C PHE A 183 -6.80 -26.46 0.98
N PHE A 184 -6.12 -25.38 0.53
CA PHE A 184 -6.25 -24.88 -0.86
C PHE A 184 -5.01 -25.29 -1.57
N GLY A 185 -4.12 -25.95 -0.88
CA GLY A 185 -2.90 -26.37 -1.56
C GLY A 185 -1.74 -25.44 -1.31
N GLY A 186 -1.94 -24.48 -0.43
CA GLY A 186 -0.90 -23.56 -0.13
C GLY A 186 -0.08 -23.99 1.02
N ASP A 187 1.14 -23.47 1.05
CA ASP A 187 2.10 -23.76 2.11
C ASP A 187 2.17 -22.64 3.16
N PRO A 188 1.62 -22.84 4.35
CA PRO A 188 1.56 -21.82 5.32
C PRO A 188 2.92 -21.43 5.83
N LYS A 189 3.95 -22.21 5.55
CA LYS A 189 5.32 -21.92 5.92
C LYS A 189 6.00 -20.97 4.93
N THR A 190 5.35 -20.73 3.80
CA THR A 190 5.94 -19.93 2.70
C THR A 190 4.94 -18.86 2.20
N VAL A 191 4.47 -18.04 3.12
CA VAL A 191 3.55 -16.91 2.80
C VAL A 191 4.37 -15.64 2.64
N THR A 192 4.32 -15.03 1.47
CA THR A 192 4.91 -13.68 1.27
C THR A 192 3.73 -12.69 1.34
N ILE A 193 3.83 -11.71 2.21
CA ILE A 193 2.87 -10.58 2.15
C ILE A 193 3.46 -9.47 1.23
N PHE A 194 2.63 -8.93 0.36
CA PHE A 194 3.05 -7.85 -0.57
C PHE A 194 1.94 -6.79 -0.71
N GLY A 195 2.35 -5.56 -0.98
CA GLY A 195 1.41 -4.46 -1.10
C GLY A 195 2.03 -3.20 -1.66
N GLU A 196 1.18 -2.24 -2.07
CA GLU A 196 1.65 -1.01 -2.67
C GLU A 196 1.13 0.24 -1.93
N SER A 197 2.00 1.28 -1.81
CA SER A 197 1.80 2.59 -1.06
C SER A 197 1.27 2.24 0.37
N ALA A 198 0.07 2.60 0.79
CA ALA A 198 -0.34 2.21 2.16
C ALA A 198 -0.27 0.64 2.40
N GLY A 199 -0.39 -0.11 1.30
CA GLY A 199 -0.20 -1.54 1.30
C GLY A 199 1.24 -1.91 1.61
N GLY A 200 2.20 -1.17 1.05
CA GLY A 200 3.58 -1.35 1.36
C GLY A 200 3.93 -0.90 2.75
N ALA A 201 3.36 0.23 3.22
CA ALA A 201 3.59 0.65 4.57
C ALA A 201 3.05 -0.47 5.55
N SER A 202 1.87 -0.95 5.24
CA SER A 202 1.19 -1.98 6.02
C SER A 202 2.13 -3.25 6.18
N VAL A 203 2.69 -3.73 5.07
CA VAL A 203 3.62 -4.85 5.06
C VAL A 203 4.75 -4.55 6.04
N GLY A 204 5.35 -3.37 5.95
CA GLY A 204 6.37 -2.91 6.90
C GLY A 204 5.90 -2.93 8.31
N MET A 205 4.63 -2.61 8.50
CA MET A 205 4.10 -2.56 9.84
C MET A 205 3.92 -3.95 10.46
N HIS A 206 3.61 -4.94 9.67
CA HIS A 206 3.51 -6.31 10.18
C HIS A 206 4.91 -6.91 10.42
N ILE A 207 5.90 -6.47 9.66
CA ILE A 207 7.31 -6.78 9.93
C ILE A 207 7.74 -6.26 11.30
N LEU A 208 7.23 -5.08 11.67
CA LEU A 208 7.62 -4.45 12.90
C LEU A 208 6.76 -4.97 14.06
N SER A 209 5.46 -5.16 13.87
CA SER A 209 4.57 -5.47 15.01
C SER A 209 4.79 -6.91 15.53
N PRO A 210 5.15 -7.06 16.80
CA PRO A 210 5.36 -8.42 17.37
C PRO A 210 4.17 -9.33 17.16
N GLY A 211 2.99 -8.77 17.27
CA GLY A 211 1.75 -9.53 17.07
C GLY A 211 1.49 -10.03 15.65
N SER A 212 2.30 -9.64 14.65
CA SER A 212 2.04 -10.04 13.27
C SER A 212 3.19 -10.88 12.68
N ARG A 213 4.40 -10.68 13.21
CA ARG A 213 5.59 -11.24 12.61
C ARG A 213 5.50 -12.72 12.28
N ASP A 214 4.87 -13.49 13.15
CA ASP A 214 4.95 -14.98 13.02
C ASP A 214 4.02 -15.48 11.93
N LEU A 215 3.15 -14.61 11.38
CA LEU A 215 2.11 -15.10 10.50
C LEU A 215 2.54 -15.09 9.04
N PHE A 216 3.81 -14.89 8.75
CA PHE A 216 4.26 -14.90 7.36
C PHE A 216 5.75 -15.10 7.32
N ARG A 217 6.26 -15.44 6.15
CA ARG A 217 7.66 -15.77 6.01
C ARG A 217 8.56 -14.62 5.54
N ARG A 218 8.04 -13.86 4.59
CA ARG A 218 8.84 -12.96 3.71
C ARG A 218 7.87 -11.82 3.26
N ALA A 219 8.43 -10.74 2.72
CA ALA A 219 7.68 -9.47 2.46
C ALA A 219 8.20 -8.68 1.25
N ILE A 220 7.26 -8.08 0.51
CA ILE A 220 7.52 -7.21 -0.66
C ILE A 220 6.74 -5.91 -0.40
N LEU A 221 7.50 -4.82 -0.44
CA LEU A 221 7.00 -3.44 -0.21
C LEU A 221 7.17 -2.64 -1.50
N GLN A 222 6.05 -2.34 -2.16
CA GLN A 222 6.02 -1.48 -3.37
C GLN A 222 5.66 -0.02 -2.97
N SER A 223 6.63 0.88 -3.06
CA SER A 223 6.39 2.32 -2.91
C SER A 223 5.71 2.64 -1.61
N GLY A 224 6.21 2.14 -0.52
CA GLY A 224 5.55 2.37 0.75
C GLY A 224 6.40 1.77 1.81
N SER A 225 6.48 2.44 2.96
CA SER A 225 7.28 1.94 4.05
C SER A 225 6.62 2.42 5.29
N PRO A 226 6.85 1.71 6.43
CA PRO A 226 6.05 2.05 7.63
C PRO A 226 6.37 3.37 8.24
N ASN A 227 7.58 3.84 8.03
CA ASN A 227 8.03 5.14 8.54
C ASN A 227 7.62 6.30 7.60
N CYS A 228 6.84 6.07 6.57
CA CYS A 228 6.45 7.22 5.73
C CYS A 228 5.74 8.31 6.61
N PRO A 229 6.00 9.61 6.33
CA PRO A 229 5.39 10.70 7.19
C PRO A 229 3.90 10.73 7.20
N TRP A 230 3.28 10.16 6.19
CA TRP A 230 1.85 10.11 6.10
C TRP A 230 1.22 8.90 6.72
N ALA A 231 2.03 7.88 7.01
CA ALA A 231 1.47 6.55 7.33
C ALA A 231 1.13 6.33 8.78
N SER A 232 1.52 7.20 9.73
CA SER A 232 1.14 7.06 11.12
C SER A 232 1.00 8.44 11.77
N VAL A 233 0.25 8.49 12.86
CA VAL A 233 0.20 9.64 13.74
C VAL A 233 0.33 9.20 15.20
N SER A 234 0.59 10.16 16.08
CA SER A 234 0.77 9.93 17.49
C SER A 234 -0.60 9.71 18.07
N VAL A 235 -0.67 9.12 19.28
CA VAL A 235 -2.02 8.95 19.86
C VAL A 235 -2.70 10.28 20.16
N ALA A 236 -1.90 11.28 20.51
CA ALA A 236 -2.45 12.64 20.75
C ALA A 236 -3.11 13.20 19.46
N GLU A 237 -2.43 13.08 18.35
CA GLU A 237 -2.94 13.61 17.05
C GLU A 237 -4.15 12.82 16.58
N GLY A 238 -4.13 11.50 16.79
CA GLY A 238 -5.30 10.69 16.46
C GLY A 238 -6.56 11.07 17.28
N ARG A 239 -6.31 11.28 18.55
CA ARG A 239 -7.35 11.71 19.44
C ARG A 239 -7.90 13.04 18.95
N ARG A 240 -7.01 13.96 18.65
CA ARG A 240 -7.44 15.28 18.22
C ARG A 240 -8.34 15.19 16.96
N ARG A 241 -7.99 14.33 16.00
CA ARG A 241 -8.77 14.18 14.79
C ARG A 241 -10.06 13.52 15.01
N ALA A 242 -10.11 12.58 16.00
CA ALA A 242 -11.39 11.89 16.26
C ALA A 242 -12.38 12.87 16.85
N VAL A 243 -11.92 13.69 17.78
CA VAL A 243 -12.74 14.74 18.38
C VAL A 243 -13.25 15.79 17.34
N GLU A 244 -12.39 16.14 16.41
CA GLU A 244 -12.74 17.11 15.38
C GLU A 244 -13.74 16.46 14.42
N LEU A 245 -13.61 15.16 14.20
CA LEU A 245 -14.59 14.49 13.42
C LEU A 245 -15.95 14.56 14.13
N GLY A 246 -15.93 14.43 15.44
CA GLY A 246 -17.17 14.48 16.20
C GLY A 246 -17.82 15.85 16.11
N ARG A 247 -17.00 16.88 16.20
CA ARG A 247 -17.44 18.25 16.12
C ARG A 247 -18.08 18.60 14.77
N ASN A 248 -17.52 18.08 13.69
CA ASN A 248 -18.09 18.17 12.35
C ASN A 248 -19.40 17.54 12.21
N LEU A 249 -19.72 16.61 13.13
CA LEU A 249 -21.01 15.92 13.06
C LEU A 249 -21.89 16.28 14.28
N ASN A 250 -21.56 17.37 14.96
CA ASN A 250 -22.36 17.86 16.10
C ASN A 250 -22.57 16.76 17.18
N CYS A 251 -21.52 16.01 17.48
CA CYS A 251 -21.56 15.02 18.55
C CYS A 251 -21.36 15.64 19.91
N ASN A 252 -21.88 14.96 20.91
CA ASN A 252 -21.44 15.17 22.30
C ASN A 252 -19.97 14.85 22.43
N LEU A 253 -19.17 15.78 22.92
CA LEU A 253 -17.74 15.60 23.08
C LEU A 253 -17.33 15.46 24.54
N ASN A 254 -18.27 15.34 25.47
CA ASN A 254 -17.86 15.22 26.90
C ASN A 254 -17.08 14.00 27.32
N SER A 255 -17.24 12.88 26.62
CA SER A 255 -16.42 11.73 26.91
C SER A 255 -16.18 10.86 25.66
N ASP A 256 -15.24 9.92 25.78
CA ASP A 256 -15.00 8.99 24.69
C ASP A 256 -16.26 8.24 24.39
N GLU A 257 -16.95 7.79 25.43
CA GLU A 257 -18.16 6.96 25.24
C GLU A 257 -19.26 7.68 24.51
N GLU A 258 -19.47 8.94 24.86
CA GLU A 258 -20.52 9.73 24.19
C GLU A 258 -20.12 10.03 22.75
N LEU A 259 -18.84 10.33 22.53
CA LEU A 259 -18.37 10.56 21.14
C LEU A 259 -18.54 9.31 20.28
N ILE A 260 -18.00 8.21 20.79
CA ILE A 260 -18.06 6.94 20.08
C ILE A 260 -19.49 6.56 19.83
N HIS A 261 -20.37 6.77 20.79
CA HIS A 261 -21.77 6.40 20.59
C HIS A 261 -22.40 7.27 19.48
N CYS A 262 -22.16 8.58 19.54
CA CYS A 262 -22.61 9.49 18.49
C CYS A 262 -22.10 9.03 17.12
N LEU A 263 -20.80 8.73 16.97
CA LEU A 263 -20.28 8.30 15.65
C LEU A 263 -20.84 6.97 15.19
N ARG A 264 -21.11 6.08 16.13
CA ARG A 264 -21.71 4.82 15.74
C ARG A 264 -23.13 5.03 15.28
N GLU A 265 -23.85 6.06 15.70
CA GLU A 265 -25.22 6.26 15.13
C GLU A 265 -25.20 6.77 13.69
N LYS A 266 -24.09 7.32 13.23
CA LYS A 266 -24.06 7.98 11.90
C LYS A 266 -24.04 7.03 10.74
N LYS A 267 -24.77 7.30 9.67
CA LYS A 267 -24.64 6.48 8.46
C LYS A 267 -23.14 6.54 7.99
N PRO A 268 -22.65 5.48 7.32
CA PRO A 268 -21.22 5.56 6.89
C PRO A 268 -20.86 6.85 6.08
N GLN A 269 -21.69 7.22 5.10
CA GLN A 269 -21.46 8.43 4.27
C GLN A 269 -21.35 9.74 5.02
N GLU A 270 -21.99 9.83 6.18
CA GLU A 270 -21.84 11.06 6.97
C GLU A 270 -20.43 11.19 7.49
N LEU A 271 -19.76 10.08 7.77
CA LEU A 271 -18.37 10.19 8.20
C LEU A 271 -17.48 10.55 7.04
N ILE A 272 -17.63 9.84 5.96
CA ILE A 272 -16.83 10.06 4.75
C ILE A 272 -16.94 11.54 4.28
N ASP A 273 -18.15 12.09 4.38
CA ASP A 273 -18.46 13.45 3.91
C ASP A 273 -17.63 14.49 4.60
N VAL A 274 -17.30 14.31 5.87
CA VAL A 274 -16.47 15.29 6.64
C VAL A 274 -15.02 14.85 6.98
N GLU A 275 -14.64 13.65 6.56
CA GLU A 275 -13.32 13.05 6.89
C GLU A 275 -12.11 13.95 6.59
N TRP A 276 -12.17 14.68 5.49
CA TRP A 276 -11.04 15.51 5.06
C TRP A 276 -11.01 16.83 5.78
N ASN A 277 -12.00 17.13 6.62
CA ASN A 277 -11.97 18.36 7.46
C ASN A 277 -11.17 18.39 8.70
N VAL A 278 -10.46 17.32 9.04
CA VAL A 278 -9.83 17.18 10.32
C VAL A 278 -8.35 17.26 10.24
N LEU A 279 -7.82 17.48 9.05
CA LEU A 279 -6.37 17.53 8.85
C LEU A 279 -5.86 18.75 9.53
N PRO A 280 -4.68 18.67 10.15
CA PRO A 280 -4.25 19.81 10.90
C PRO A 280 -3.72 20.89 10.02
N PHE A 281 -3.15 20.55 8.87
CA PHE A 281 -2.49 21.52 8.00
C PHE A 281 -3.19 21.54 6.65
N ASP A 282 -3.00 22.64 5.93
CA ASP A 282 -3.26 22.71 4.48
C ASP A 282 -2.13 21.89 3.79
N SER A 283 -2.42 20.73 3.26
CA SER A 283 -1.36 19.80 2.87
C SER A 283 -1.78 19.00 1.70
N ILE A 284 -0.78 18.41 1.05
CA ILE A 284 -1.03 17.27 0.21
C ILE A 284 -0.23 16.02 0.79
N PHE A 285 -0.64 14.85 0.38
CA PHE A 285 -0.07 13.56 0.82
C PHE A 285 -0.19 13.42 2.34
N ARG A 286 -1.36 13.82 2.85
CA ARG A 286 -1.67 13.58 4.25
C ARG A 286 -3.10 13.14 4.35
N PHE A 287 -3.31 12.06 5.12
CA PHE A 287 -4.59 11.41 5.21
C PHE A 287 -5.06 11.44 6.64
N SER A 288 -6.36 11.50 6.80
CA SER A 288 -6.93 11.85 8.09
C SER A 288 -6.83 10.72 9.14
N PHE A 289 -7.22 9.51 8.73
CA PHE A 289 -7.30 8.36 9.64
C PHE A 289 -6.35 7.27 9.24
N VAL A 290 -5.23 7.21 9.98
CA VAL A 290 -4.15 6.33 9.63
C VAL A 290 -3.66 5.60 10.93
N PRO A 291 -2.73 4.64 10.79
CA PRO A 291 -2.21 3.98 11.98
C PRO A 291 -1.71 4.93 13.03
N VAL A 292 -1.85 4.53 14.28
CA VAL A 292 -1.43 5.27 15.41
C VAL A 292 -0.31 4.51 16.19
N ILE A 293 0.64 5.26 16.71
CA ILE A 293 1.79 4.67 17.41
C ILE A 293 1.33 4.47 18.86
N ASP A 294 0.76 3.29 19.14
CA ASP A 294 -0.17 3.10 20.27
C ASP A 294 0.49 2.45 21.48
N GLY A 295 1.72 1.99 21.37
CA GLY A 295 2.33 1.20 22.48
C GLY A 295 1.89 -0.29 22.50
N GLU A 296 1.12 -0.77 21.51
CA GLU A 296 0.60 -2.16 21.47
C GLU A 296 0.91 -2.80 20.15
N PHE A 297 0.24 -2.37 19.08
CA PHE A 297 0.61 -2.85 17.80
C PHE A 297 2.07 -2.57 17.51
N PHE A 298 2.47 -1.33 17.82
CA PHE A 298 3.79 -0.79 17.79
C PHE A 298 4.19 -0.53 19.24
N PRO A 299 5.14 -1.32 19.81
CA PRO A 299 5.46 -1.18 21.25
C PRO A 299 6.21 0.11 21.58
N THR A 300 7.03 0.59 20.65
CA THR A 300 7.70 1.89 20.76
C THR A 300 7.61 2.64 19.43
N SER A 301 8.33 3.76 19.36
CA SER A 301 8.38 4.54 18.12
C SER A 301 8.95 3.72 16.97
N LEU A 302 8.52 4.00 15.75
CA LEU A 302 9.03 3.23 14.64
C LEU A 302 10.55 3.38 14.53
N GLU A 303 11.09 4.58 14.75
CA GLU A 303 12.52 4.77 14.61
C GLU A 303 13.31 4.00 15.68
N SER A 304 12.83 3.96 16.93
CA SER A 304 13.55 3.17 17.98
C SER A 304 13.46 1.66 17.62
N MET A 305 12.35 1.20 17.05
CA MET A 305 12.22 -0.20 16.67
C MET A 305 13.18 -0.48 15.56
N LEU A 306 13.24 0.40 14.56
CA LEU A 306 14.25 0.23 13.55
C LEU A 306 15.70 0.20 14.01
N ASN A 307 16.08 1.16 14.82
CA ASN A 307 17.45 1.26 15.28
C ASN A 307 17.88 0.08 16.11
N SER A 308 16.96 -0.48 16.88
CA SER A 308 17.27 -1.51 17.86
C SER A 308 17.18 -2.94 17.28
N GLY A 309 16.72 -3.08 16.05
CA GLY A 309 16.46 -4.37 15.50
C GLY A 309 15.16 -5.03 15.98
N ASN A 310 14.24 -4.26 16.51
CA ASN A 310 13.00 -4.83 17.00
C ASN A 310 12.01 -5.00 15.86
N PHE A 311 12.24 -6.03 15.07
CA PHE A 311 11.46 -6.39 13.91
C PHE A 311 11.80 -7.80 13.44
N LYS A 312 10.91 -8.37 12.62
CA LYS A 312 11.11 -9.63 12.04
C LYS A 312 12.27 -9.60 11.09
N LYS A 313 13.16 -10.59 11.24
CA LYS A 313 14.37 -10.69 10.42
C LYS A 313 14.18 -11.72 9.35
N THR A 314 14.03 -11.32 8.10
CA THR A 314 13.69 -12.24 7.01
C THR A 314 14.24 -11.60 5.77
N GLN A 315 13.84 -12.07 4.58
CA GLN A 315 14.20 -11.44 3.35
C GLN A 315 13.08 -10.44 2.97
N ILE A 316 13.48 -9.33 2.33
CA ILE A 316 12.54 -8.35 1.78
C ILE A 316 13.03 -7.93 0.37
N LEU A 317 12.04 -7.67 -0.50
CA LEU A 317 12.22 -7.13 -1.84
C LEU A 317 11.31 -5.88 -1.86
N LEU A 318 11.89 -4.77 -2.26
CA LEU A 318 11.19 -3.50 -2.20
C LEU A 318 11.74 -2.52 -3.21
N GLY A 319 10.97 -1.45 -3.39
CA GLY A 319 11.32 -0.44 -4.38
C GLY A 319 10.28 0.66 -4.56
N VAL A 320 10.58 1.54 -5.50
CA VAL A 320 9.81 2.76 -5.72
C VAL A 320 9.65 2.99 -7.25
N ASN A 321 8.61 3.73 -7.63
CA ASN A 321 8.47 4.23 -9.01
C ASN A 321 9.15 5.61 -9.14
N LYS A 322 9.56 5.91 -10.35
CA LYS A 322 10.29 7.15 -10.64
C LYS A 322 9.58 8.44 -10.25
N ASP A 323 8.24 8.49 -10.44
CA ASP A 323 7.43 9.73 -10.21
C ASP A 323 6.28 9.52 -9.24
N GLU A 324 6.67 9.34 -8.00
CA GLU A 324 5.78 9.07 -6.92
C GLU A 324 4.90 10.33 -6.50
N GLY A 325 5.40 11.54 -6.68
CA GLY A 325 4.64 12.76 -6.36
C GLY A 325 3.47 13.21 -7.25
N SER A 326 3.41 12.74 -8.49
CA SER A 326 2.63 13.46 -9.57
C SER A 326 1.12 13.39 -9.36
N PHE A 327 0.66 12.26 -8.81
CA PHE A 327 -0.72 12.12 -8.48
C PHE A 327 -1.26 13.15 -7.49
N PHE A 328 -0.48 13.39 -6.45
CA PHE A 328 -0.95 14.18 -5.35
C PHE A 328 -0.86 15.64 -5.72
N LEU A 329 0.12 15.99 -6.57
CA LEU A 329 0.26 17.34 -7.08
C LEU A 329 -0.92 17.66 -8.00
N LEU A 330 -1.21 16.70 -8.90
CA LEU A 330 -2.38 16.83 -9.80
C LEU A 330 -3.62 17.14 -9.00
N TYR A 331 -3.90 16.32 -7.98
CA TYR A 331 -5.11 16.45 -7.24
C TYR A 331 -5.15 17.64 -6.29
N GLY A 332 -4.03 18.05 -5.72
CA GLY A 332 -4.05 18.98 -4.64
C GLY A 332 -3.22 20.26 -4.77
N ALA A 333 -2.48 20.48 -5.86
CA ALA A 333 -1.57 21.59 -5.89
C ALA A 333 -1.93 22.53 -7.03
N PRO A 334 -2.01 23.85 -6.74
CA PRO A 334 -2.31 24.83 -7.80
C PRO A 334 -1.31 24.82 -8.94
N GLY A 335 -1.83 24.85 -10.15
CA GLY A 335 -1.00 24.93 -11.35
C GLY A 335 -0.90 23.61 -12.12
N PHE A 336 -1.34 22.49 -11.50
CA PHE A 336 -1.21 21.19 -12.10
C PHE A 336 -2.59 20.80 -12.54
N SER A 337 -2.73 20.40 -13.79
CA SER A 337 -4.01 19.91 -14.25
C SER A 337 -3.74 18.73 -15.16
N LYS A 338 -4.79 17.99 -15.39
CA LYS A 338 -4.72 16.74 -16.11
C LYS A 338 -4.56 16.87 -17.61
N ASP A 339 -5.16 17.93 -18.19
CA ASP A 339 -5.07 18.11 -19.62
C ASP A 339 -4.11 19.22 -20.06
N SER A 340 -3.26 19.73 -19.19
CA SER A 340 -2.16 20.56 -19.67
C SER A 340 -0.86 19.94 -19.24
N GLU A 341 0.23 20.37 -19.85
CA GLU A 341 1.59 20.12 -19.46
C GLU A 341 1.98 20.58 -18.06
N SER A 342 1.18 21.45 -17.47
CA SER A 342 1.35 21.86 -16.12
C SER A 342 2.73 22.45 -15.82
N LYS A 343 3.14 23.39 -16.64
CA LYS A 343 4.34 24.13 -16.38
C LYS A 343 4.02 25.03 -15.24
N ILE A 344 4.90 25.08 -14.29
CA ILE A 344 4.61 25.68 -13.02
C ILE A 344 5.44 26.97 -12.89
N SER A 345 4.75 28.05 -12.57
CA SER A 345 5.43 29.29 -12.24
C SER A 345 6.21 29.16 -10.97
N ARG A 346 7.15 30.07 -10.80
CA ARG A 346 7.85 30.22 -9.56
C ARG A 346 6.92 30.36 -8.36
N GLU A 347 5.82 31.09 -8.49
CA GLU A 347 4.93 31.32 -7.37
C GLU A 347 4.11 30.06 -7.07
N ASP A 348 3.70 29.31 -8.08
CA ASP A 348 3.04 28.01 -7.82
C ASP A 348 4.05 26.97 -7.24
N PHE A 349 5.31 27.09 -7.57
CA PHE A 349 6.38 26.25 -6.96
C PHE A 349 6.40 26.43 -5.48
N MET A 350 6.53 27.69 -5.08
CA MET A 350 6.67 28.06 -3.68
C MET A 350 5.48 27.57 -2.91
N SER A 351 4.31 27.71 -3.50
CA SER A 351 3.06 27.27 -2.87
C SER A 351 3.00 25.73 -2.72
N GLY A 352 3.38 25.04 -3.78
CA GLY A 352 3.61 23.61 -3.84
C GLY A 352 4.48 23.11 -2.72
N VAL A 353 5.57 23.80 -2.50
CA VAL A 353 6.52 23.48 -1.46
C VAL A 353 5.87 23.54 -0.13
N LYS A 354 5.09 24.59 0.10
CA LYS A 354 4.43 24.79 1.38
C LYS A 354 3.38 23.65 1.63
N LEU A 355 2.53 23.31 0.65
CA LEU A 355 1.63 22.16 0.71
C LEU A 355 2.34 20.79 0.97
N SER A 356 3.56 20.66 0.44
CA SER A 356 4.30 19.40 0.42
C SER A 356 5.01 19.14 1.75
N VAL A 357 5.38 20.18 2.46
CA VAL A 357 6.10 20.05 3.73
C VAL A 357 5.41 20.85 4.77
N PRO A 358 4.18 20.49 5.10
CA PRO A 358 3.28 21.39 5.90
C PRO A 358 3.79 21.67 7.28
N HIS A 359 4.55 20.72 7.78
CA HIS A 359 5.09 20.76 9.12
C HIS A 359 6.41 21.59 9.21
N ALA A 360 6.86 22.18 8.09
CA ALA A 360 8.12 22.91 8.08
C ALA A 360 7.92 24.36 8.50
N ASN A 361 8.90 24.97 9.15
CA ASN A 361 8.88 26.38 9.40
C ASN A 361 9.52 27.06 8.16
N ASP A 362 9.64 28.37 8.18
CA ASP A 362 10.10 29.11 7.03
C ASP A 362 11.52 28.76 6.60
N LEU A 363 12.40 28.60 7.58
CA LEU A 363 13.77 28.24 7.29
C LEU A 363 13.77 26.85 6.58
N GLY A 364 12.96 25.91 7.07
CA GLY A 364 12.81 24.59 6.42
C GLY A 364 12.33 24.68 4.99
N LEU A 365 11.28 25.47 4.78
CA LEU A 365 10.85 25.76 3.42
C LEU A 365 11.94 26.34 2.56
N ASP A 366 12.74 27.27 3.08
CA ASP A 366 13.90 27.79 2.29
C ASP A 366 14.91 26.70 1.95
N ALA A 367 15.10 25.76 2.88
CA ALA A 367 16.10 24.69 2.68
C ALA A 367 15.62 23.80 1.59
N VAL A 368 14.35 23.45 1.59
CA VAL A 368 13.78 22.60 0.55
C VAL A 368 13.86 23.31 -0.80
N THR A 369 13.47 24.56 -0.84
CA THR A 369 13.44 25.31 -2.13
C THR A 369 14.82 25.42 -2.74
N LEU A 370 15.78 25.72 -1.90
CA LEU A 370 17.17 25.75 -2.36
C LEU A 370 17.66 24.43 -2.92
N GLN A 371 17.28 23.34 -2.27
CA GLN A 371 17.76 22.01 -2.64
C GLN A 371 17.24 21.64 -4.02
N TYR A 372 16.05 22.08 -4.34
CA TYR A 372 15.44 21.66 -5.56
C TYR A 372 15.36 22.76 -6.64
N THR A 373 16.00 23.90 -6.45
CA THR A 373 15.88 24.96 -7.48
C THR A 373 17.17 25.09 -8.21
N ASP A 374 17.13 25.08 -9.52
CA ASP A 374 18.28 25.39 -10.32
C ASP A 374 18.28 26.91 -10.53
N TRP A 375 19.16 27.59 -9.79
CA TRP A 375 19.22 29.06 -9.79
C TRP A 375 19.84 29.66 -11.02
N MET A 376 20.34 28.85 -11.92
CA MET A 376 20.68 29.34 -13.24
C MET A 376 19.47 29.38 -14.13
N ASP A 377 18.32 28.87 -13.68
CA ASP A 377 17.18 28.65 -14.60
C ASP A 377 15.82 28.63 -13.93
N ASP A 378 15.74 29.46 -12.90
CA ASP A 378 14.70 29.32 -11.87
C ASP A 378 13.29 29.63 -12.36
N ASN A 379 13.14 30.05 -13.62
CA ASN A 379 11.78 30.26 -14.18
C ASN A 379 11.43 29.26 -15.24
N ASN A 380 12.14 28.14 -15.26
CA ASN A 380 11.81 27.11 -16.17
C ASN A 380 10.58 26.30 -15.59
N GLY A 381 9.46 26.39 -16.31
CA GLY A 381 8.15 25.86 -15.88
C GLY A 381 8.19 24.35 -15.76
N ILE A 382 9.02 23.71 -16.57
CA ILE A 382 9.18 22.27 -16.59
C ILE A 382 10.10 21.81 -15.43
N LYS A 383 11.15 22.57 -15.21
CA LYS A 383 12.02 22.33 -14.06
C LYS A 383 11.31 22.50 -12.74
N ASN A 384 10.50 23.54 -12.62
CA ASN A 384 9.65 23.69 -11.48
C ASN A 384 8.60 22.57 -11.26
N ARG A 385 7.90 22.18 -12.32
CA ARG A 385 6.95 21.13 -12.27
C ARG A 385 7.69 19.81 -11.82
N ASP A 386 8.79 19.48 -12.47
CA ASP A 386 9.49 18.23 -12.21
C ASP A 386 10.16 18.28 -10.82
N GLY A 387 10.51 19.49 -10.37
CA GLY A 387 11.24 19.68 -9.14
C GLY A 387 10.27 19.41 -8.00
N LEU A 388 9.05 19.91 -8.16
CA LEU A 388 8.01 19.64 -7.18
C LEU A 388 7.58 18.14 -7.16
N ASP A 389 7.49 17.52 -8.32
CA ASP A 389 7.21 16.08 -8.42
C ASP A 389 8.24 15.33 -7.55
N ASP A 390 9.51 15.62 -7.77
CA ASP A 390 10.63 15.12 -6.94
C ASP A 390 10.58 15.43 -5.44
N ILE A 391 10.22 16.63 -5.07
CA ILE A 391 10.02 16.96 -3.67
C ILE A 391 8.94 16.08 -3.04
N VAL A 392 7.82 15.89 -3.71
CA VAL A 392 6.71 15.19 -3.10
C VAL A 392 7.09 13.69 -2.96
N GLY A 393 7.59 13.14 -4.05
CA GLY A 393 8.10 11.74 -4.12
C GLY A 393 9.19 11.46 -3.12
N ASP A 394 10.20 12.30 -3.05
CA ASP A 394 11.35 12.07 -2.22
C ASP A 394 10.96 12.16 -0.76
N HIS A 395 10.28 13.22 -0.39
CA HIS A 395 9.87 13.38 0.98
C HIS A 395 8.89 12.28 1.46
N ASN A 396 7.92 11.93 0.63
CA ASN A 396 6.87 11.07 1.10
C ASN A 396 7.08 9.58 0.88
N VAL A 397 7.88 9.20 -0.12
CA VAL A 397 7.95 7.81 -0.54
C VAL A 397 9.39 7.31 -0.56
N ILE A 398 10.22 7.94 -1.39
CA ILE A 398 11.56 7.42 -1.73
C ILE A 398 12.49 7.48 -0.56
N CYS A 399 12.60 8.66 0.03
CA CYS A 399 13.52 8.80 1.12
C CYS A 399 13.13 8.06 2.41
N PRO A 400 11.84 8.03 2.77
CA PRO A 400 11.48 7.15 3.89
C PRO A 400 11.79 5.66 3.55
N LEU A 401 11.51 5.23 2.32
CA LEU A 401 11.81 3.87 1.97
C LEU A 401 13.31 3.60 2.08
N MET A 402 14.13 4.59 1.67
CA MET A 402 15.52 4.41 1.69
C MET A 402 16.04 4.32 3.12
N HIS A 403 15.48 5.09 4.03
CA HIS A 403 15.83 4.99 5.41
C HIS A 403 15.42 3.58 5.99
N PHE A 404 14.22 3.14 5.69
CA PHE A 404 13.80 1.82 6.10
C PHE A 404 14.81 0.74 5.60
N VAL A 405 15.15 0.78 4.32
CA VAL A 405 16.04 -0.19 3.72
C VAL A 405 17.38 -0.30 4.46
N ASN A 406 17.95 0.86 4.75
CA ASN A 406 19.29 0.94 5.32
C ASN A 406 19.23 0.51 6.76
N LYS A 407 18.15 0.83 7.45
CA LYS A 407 17.99 0.32 8.82
C LYS A 407 17.69 -1.21 8.87
N TYR A 408 16.85 -1.69 7.96
CA TYR A 408 16.43 -3.05 7.96
C TYR A 408 17.59 -4.00 7.64
N THR A 409 18.34 -3.62 6.60
CA THR A 409 19.46 -4.36 6.08
C THR A 409 20.59 -4.68 7.10
N LYS A 410 20.78 -3.83 8.11
CA LYS A 410 21.69 -4.12 9.18
C LYS A 410 21.40 -5.41 9.94
N PHE A 411 20.13 -5.78 10.14
CA PHE A 411 19.74 -6.95 10.94
C PHE A 411 19.04 -8.00 10.13
N GLY A 412 18.60 -7.69 8.91
CA GLY A 412 17.80 -8.64 8.16
C GLY A 412 18.55 -9.72 7.39
N ASN A 413 17.81 -10.54 6.69
CA ASN A 413 18.44 -11.73 6.07
C ASN A 413 18.54 -11.71 4.57
N GLY A 414 18.33 -10.55 3.97
CA GLY A 414 18.55 -10.43 2.50
C GLY A 414 17.56 -9.38 1.94
N THR A 415 18.09 -8.36 1.29
CA THR A 415 17.33 -7.24 0.78
C THR A 415 17.58 -7.13 -0.70
N TYR A 416 16.49 -7.05 -1.47
CA TYR A 416 16.49 -6.74 -2.92
C TYR A 416 15.71 -5.40 -3.23
N LEU A 417 16.40 -4.43 -3.83
CA LEU A 417 15.86 -3.10 -4.10
C LEU A 417 15.70 -2.81 -5.60
N TYR A 418 14.55 -2.26 -5.95
CA TYR A 418 14.30 -1.86 -7.34
C TYR A 418 13.86 -0.35 -7.50
N PHE A 419 14.03 0.12 -8.72
CA PHE A 419 13.58 1.44 -9.15
C PHE A 419 12.81 1.20 -10.50
N PHE A 420 11.49 1.23 -10.41
CA PHE A 420 10.67 0.93 -11.58
C PHE A 420 10.52 2.26 -12.35
N ASN A 421 10.99 2.34 -13.60
CA ASN A 421 10.92 3.56 -14.38
C ASN A 421 10.46 3.34 -15.77
N HIS A 422 9.62 2.35 -15.97
CA HIS A 422 8.98 2.24 -17.23
C HIS A 422 7.59 2.86 -17.20
N ARG A 423 7.39 3.78 -18.10
CA ARG A 423 6.06 4.34 -18.32
C ARG A 423 5.29 3.52 -19.41
N ALA A 424 4.15 2.97 -18.99
CA ALA A 424 3.43 2.06 -19.83
C ALA A 424 2.89 2.84 -21.03
N SER A 425 3.01 2.20 -22.20
CA SER A 425 2.76 2.79 -23.52
C SER A 425 1.28 3.13 -23.72
N ASN A 426 0.40 2.50 -22.96
CA ASN A 426 -1.03 2.79 -23.02
C ASN A 426 -1.53 3.64 -21.81
N LEU A 427 -0.64 4.25 -21.06
CA LEU A 427 -1.06 5.07 -19.89
C LEU A 427 -2.02 6.23 -20.34
N VAL A 428 -3.14 6.38 -19.65
CA VAL A 428 -4.16 7.36 -20.00
C VAL A 428 -3.97 8.74 -19.31
N TRP A 429 -3.08 8.81 -18.34
CA TRP A 429 -2.75 10.01 -17.63
C TRP A 429 -1.78 10.78 -18.48
N PRO A 430 -1.64 12.10 -18.29
CA PRO A 430 -0.72 12.83 -19.15
C PRO A 430 0.75 12.45 -18.94
N GLU A 431 1.58 12.80 -19.90
CA GLU A 431 3.01 12.53 -19.91
C GLU A 431 3.75 13.17 -18.79
N TRP A 432 3.34 14.37 -18.37
CA TRP A 432 4.06 15.10 -17.34
C TRP A 432 4.11 14.31 -16.02
N MET A 433 3.11 13.51 -15.73
CA MET A 433 3.03 12.74 -14.46
C MET A 433 4.04 11.54 -14.42
N GLY A 434 4.56 11.17 -15.60
CA GLY A 434 5.65 10.18 -15.75
C GLY A 434 5.23 8.77 -15.30
N VAL A 435 6.07 8.18 -14.46
CA VAL A 435 5.89 6.79 -13.97
C VAL A 435 5.25 6.93 -12.59
N ILE A 436 3.93 6.97 -12.65
CA ILE A 436 3.04 7.33 -11.54
C ILE A 436 2.97 6.19 -10.49
N HIS A 437 2.82 6.54 -9.22
CA HIS A 437 2.76 5.44 -8.25
C HIS A 437 1.56 4.56 -8.58
N GLY A 438 1.74 3.27 -8.52
CA GLY A 438 0.68 2.32 -8.74
C GLY A 438 0.65 1.71 -10.11
N TYR A 439 1.41 2.26 -11.03
CA TYR A 439 1.37 1.78 -12.42
C TYR A 439 2.40 0.66 -12.68
N GLU A 440 3.09 0.21 -11.62
CA GLU A 440 3.85 -1.07 -11.67
C GLU A 440 2.93 -2.25 -11.32
N ILE A 441 1.81 -1.95 -10.64
CA ILE A 441 0.96 -2.98 -10.15
C ILE A 441 0.50 -3.84 -11.30
N GLU A 442 0.02 -3.21 -12.38
CA GLU A 442 -0.45 -3.97 -13.54
C GLU A 442 0.60 -4.90 -14.15
N PHE A 443 1.88 -4.58 -13.99
CA PHE A 443 2.93 -5.47 -14.40
C PHE A 443 3.08 -6.63 -13.42
N VAL A 444 2.93 -6.34 -12.13
CA VAL A 444 3.07 -7.35 -11.09
C VAL A 444 1.94 -8.34 -11.22
N PHE A 445 0.72 -7.91 -11.59
CA PHE A 445 -0.35 -8.83 -11.75
C PHE A 445 -0.53 -9.39 -13.17
N GLY A 446 0.40 -9.15 -14.09
CA GLY A 446 0.30 -9.78 -15.40
C GLY A 446 -0.70 -9.25 -16.43
N LEU A 447 -1.19 -8.02 -16.26
CA LEU A 447 -2.13 -7.46 -17.23
C LEU A 447 -1.54 -7.36 -18.63
N PRO A 448 -0.25 -7.07 -18.74
CA PRO A 448 0.29 -7.04 -20.09
C PRO A 448 0.29 -8.34 -20.89
N LEU A 449 -0.04 -9.47 -20.24
CA LEU A 449 -0.19 -10.73 -20.93
C LEU A 449 -1.51 -10.85 -21.67
N VAL A 450 -2.44 -9.93 -21.47
CA VAL A 450 -3.79 -10.03 -22.06
C VAL A 450 -3.74 -9.12 -23.33
N LYS A 451 -3.72 -9.74 -24.51
CA LYS A 451 -3.64 -9.06 -25.83
C LYS A 451 -4.54 -7.79 -25.92
N GLU A 452 -5.81 -7.91 -25.51
CA GLU A 452 -6.81 -6.85 -25.62
C GLU A 452 -6.53 -5.59 -24.80
N LEU A 453 -5.59 -5.66 -23.86
CA LEU A 453 -5.31 -4.51 -23.02
C LEU A 453 -4.28 -3.54 -23.64
N ASN A 454 -3.73 -3.89 -24.79
CA ASN A 454 -3.08 -2.91 -25.66
C ASN A 454 -1.65 -2.60 -25.17
N TYR A 455 -1.02 -3.55 -24.46
CA TYR A 455 0.43 -3.37 -24.10
C TYR A 455 1.30 -3.81 -25.27
N THR A 456 2.56 -3.44 -25.27
CA THR A 456 3.48 -3.94 -26.27
C THR A 456 4.03 -5.32 -25.89
N ALA A 457 4.69 -5.96 -26.84
CA ALA A 457 5.43 -7.22 -26.60
C ALA A 457 6.46 -7.03 -25.51
N GLU A 458 7.19 -5.94 -25.53
CA GLU A 458 8.23 -5.69 -24.55
C GLU A 458 7.62 -5.44 -23.14
N GLU A 459 6.38 -4.96 -23.09
CA GLU A 459 5.67 -4.83 -21.82
C GLU A 459 5.23 -6.20 -21.30
N GLU A 460 4.81 -7.09 -22.20
CA GLU A 460 4.53 -8.48 -21.82
C GLU A 460 5.78 -9.11 -21.23
N ALA A 461 6.90 -8.92 -21.87
CA ALA A 461 8.10 -9.54 -21.35
C ALA A 461 8.53 -8.91 -20.02
N LEU A 462 8.28 -7.61 -19.80
CA LEU A 462 8.67 -6.97 -18.54
C LEU A 462 7.75 -7.55 -17.42
N SER A 463 6.47 -7.68 -17.70
CA SER A 463 5.52 -8.20 -16.77
C SER A 463 5.92 -9.65 -16.34
N ARG A 464 6.26 -10.51 -17.31
CA ARG A 464 6.67 -11.91 -17.02
C ARG A 464 7.93 -11.92 -16.15
N ARG A 465 8.90 -11.09 -16.47
CA ARG A 465 10.10 -11.04 -15.66
C ARG A 465 9.79 -10.59 -14.24
N ILE A 466 8.91 -9.58 -14.09
CA ILE A 466 8.60 -9.05 -12.79
C ILE A 466 7.79 -10.07 -12.00
N MET A 467 6.76 -10.65 -12.59
CA MET A 467 6.00 -11.70 -11.90
C MET A 467 6.95 -12.83 -11.38
N HIS A 468 7.92 -13.20 -12.19
CA HIS A 468 8.78 -14.34 -11.88
C HIS A 468 9.76 -13.91 -10.83
N TYR A 469 10.27 -12.67 -10.91
CA TYR A 469 11.07 -12.15 -9.80
C TYR A 469 10.27 -12.21 -8.51
N TRP A 470 9.01 -11.74 -8.56
CA TRP A 470 8.20 -11.63 -7.33
C TRP A 470 7.94 -13.07 -6.80
N ALA A 471 7.49 -13.98 -7.66
CA ALA A 471 7.13 -15.36 -7.20
C ALA A 471 8.34 -16.17 -6.77
N THR A 472 9.44 -16.04 -7.47
CA THR A 472 10.72 -16.71 -7.10
C THR A 472 11.27 -16.21 -5.79
N PHE A 473 11.18 -14.90 -5.60
CA PHE A 473 11.48 -14.37 -4.30
C PHE A 473 10.54 -14.91 -3.23
N ALA A 474 9.23 -14.98 -3.51
CA ALA A 474 8.30 -15.39 -2.48
C ALA A 474 8.68 -16.87 -2.11
N LYS A 475 9.05 -17.62 -3.13
CA LYS A 475 9.28 -19.05 -3.01
C LYS A 475 10.61 -19.39 -2.27
N THR A 476 11.66 -18.60 -2.48
CA THR A 476 13.00 -18.91 -2.07
C THR A 476 13.69 -17.85 -1.29
N GLY A 477 13.27 -16.60 -1.35
CA GLY A 477 13.95 -15.56 -0.60
C GLY A 477 14.92 -14.84 -1.47
N ASN A 478 14.93 -15.19 -2.76
CA ASN A 478 15.87 -14.61 -3.74
C ASN A 478 15.11 -14.49 -5.06
N PRO A 479 15.08 -13.29 -5.70
CA PRO A 479 14.28 -13.19 -6.94
C PRO A 479 14.85 -13.90 -8.17
N ASN A 480 16.14 -14.19 -8.13
CA ASN A 480 16.87 -14.88 -9.20
C ASN A 480 16.75 -16.41 -9.11
N GLU A 481 16.60 -16.98 -10.27
CA GLU A 481 16.55 -18.38 -10.52
C GLU A 481 18.00 -18.86 -10.32
N PRO A 482 18.20 -19.83 -9.43
CA PRO A 482 19.61 -20.14 -9.20
C PRO A 482 20.23 -20.74 -10.48
N HIS A 483 21.48 -20.38 -10.75
CA HIS A 483 22.25 -20.97 -11.89
C HIS A 483 21.56 -20.88 -13.26
N SER A 484 20.70 -19.88 -13.48
CA SER A 484 20.21 -19.59 -14.84
C SER A 484 21.17 -18.60 -15.52
N GLN A 485 20.87 -18.27 -16.76
CA GLN A 485 21.79 -17.45 -17.59
C GLN A 485 21.53 -15.94 -17.58
N GLU A 486 20.43 -15.51 -16.95
CA GLU A 486 19.94 -14.10 -17.08
C GLU A 486 20.69 -13.28 -16.08
N SER A 487 20.75 -11.97 -16.31
CA SER A 487 21.47 -11.08 -15.39
C SER A 487 20.86 -11.23 -13.99
N LYS A 488 21.73 -11.09 -13.00
CA LYS A 488 21.40 -11.37 -11.62
C LYS A 488 21.02 -10.07 -10.94
N TRP A 489 19.86 -10.02 -10.31
CA TRP A 489 19.58 -8.90 -9.42
C TRP A 489 20.41 -9.05 -8.13
N PRO A 490 21.35 -8.15 -7.88
CA PRO A 490 22.18 -8.38 -6.72
C PRO A 490 21.54 -7.96 -5.39
N LEU A 491 22.00 -8.58 -4.32
CA LEU A 491 21.61 -8.24 -2.99
C LEU A 491 21.96 -6.76 -2.74
N PHE A 492 21.11 -6.08 -1.99
CA PHE A 492 21.41 -4.77 -1.49
C PHE A 492 22.15 -5.06 -0.17
N THR A 493 23.37 -4.53 -0.01
CA THR A 493 24.10 -4.62 1.24
C THR A 493 24.35 -3.26 1.80
N THR A 494 24.58 -3.23 3.10
CA THR A 494 24.90 -2.00 3.82
C THR A 494 26.07 -1.24 3.20
N LYS A 495 27.09 -1.98 2.76
CA LYS A 495 28.30 -1.39 2.20
C LYS A 495 28.03 -0.77 0.83
N GLU A 496 27.45 -1.53 -0.07
CA GLU A 496 27.47 -1.14 -1.47
C GLU A 496 26.10 -0.71 -2.06
N GLN A 497 25.01 -1.09 -1.39
CA GLN A 497 23.69 -0.51 -1.57
C GLN A 497 23.26 -0.49 -3.01
N LYS A 498 23.41 -1.64 -3.66
CA LYS A 498 22.95 -1.81 -5.02
C LYS A 498 21.48 -2.02 -5.18
N PHE A 499 21.02 -1.62 -6.36
CA PHE A 499 19.67 -1.80 -6.78
C PHE A 499 19.65 -1.94 -8.29
N ILE A 500 18.52 -2.37 -8.82
CA ILE A 500 18.39 -2.40 -10.25
C ILE A 500 17.22 -1.49 -10.70
N ASP A 501 17.24 -1.15 -11.99
CA ASP A 501 16.15 -0.46 -12.64
C ASP A 501 15.29 -1.58 -13.10
N LEU A 502 13.97 -1.39 -13.06
CA LEU A 502 13.02 -2.27 -13.69
C LEU A 502 12.34 -1.58 -14.85
N ASN A 503 12.63 -2.07 -16.05
CA ASN A 503 12.11 -1.51 -17.27
C ASN A 503 12.36 -2.44 -18.46
N THR A 504 12.16 -2.01 -19.69
CA THR A 504 12.24 -2.95 -20.84
C THR A 504 13.66 -3.04 -21.42
N GLU A 505 14.63 -2.35 -20.85
CA GLU A 505 15.97 -2.33 -21.39
C GLU A 505 16.78 -3.31 -20.58
N PRO A 506 17.91 -3.80 -21.12
CA PRO A 506 18.83 -4.64 -20.34
C PRO A 506 19.08 -4.16 -18.89
N MET A 507 19.03 -5.07 -17.92
CA MET A 507 19.25 -4.73 -16.52
C MET A 507 20.45 -3.85 -16.32
N LYS A 508 20.33 -2.83 -15.51
CA LYS A 508 21.48 -2.03 -15.05
C LYS A 508 21.43 -1.98 -13.54
N VAL A 509 22.59 -2.08 -12.92
CA VAL A 509 22.71 -2.11 -11.54
C VAL A 509 23.25 -0.74 -11.17
N HIS A 510 22.72 -0.14 -10.12
CA HIS A 510 23.25 1.13 -9.63
C HIS A 510 23.45 1.02 -8.16
N GLN A 511 23.98 2.09 -7.57
CA GLN A 511 24.13 2.17 -6.15
C GLN A 511 23.59 3.47 -5.58
N ARG A 512 23.28 3.44 -4.29
CA ARG A 512 22.87 4.57 -3.48
C ARG A 512 21.71 5.45 -4.08
N LEU A 513 20.56 4.79 -4.22
CA LEU A 513 19.35 5.39 -4.76
C LEU A 513 19.03 6.72 -4.11
N ARG A 514 19.03 7.77 -4.95
CA ARG A 514 18.70 9.19 -4.52
C ARG A 514 19.40 9.57 -3.28
N VAL A 515 20.66 9.19 -3.21
CA VAL A 515 21.32 9.40 -1.91
C VAL A 515 21.48 10.87 -1.52
N GLN A 516 21.72 11.73 -2.50
CA GLN A 516 21.96 13.15 -2.22
C GLN A 516 20.70 13.79 -1.61
N MET A 517 19.56 13.58 -2.24
CA MET A 517 18.32 14.08 -1.67
C MET A 517 17.94 13.37 -0.37
N CYS A 518 18.21 12.08 -0.21
CA CYS A 518 17.76 11.38 1.03
C CYS A 518 18.59 11.73 2.19
N VAL A 519 19.84 12.13 1.98
CA VAL A 519 20.59 12.75 3.11
C VAL A 519 19.91 14.03 3.55
N PHE A 520 19.42 14.81 2.58
CA PHE A 520 18.70 16.03 2.93
C PHE A 520 17.42 15.71 3.74
N TRP A 521 16.56 14.89 3.18
CA TRP A 521 15.34 14.52 3.86
C TRP A 521 15.51 13.67 5.11
N ASN A 522 16.53 12.83 5.22
CA ASN A 522 16.61 11.88 6.38
C ASN A 522 17.52 12.41 7.47
N GLN A 523 18.49 13.25 7.15
CA GLN A 523 19.43 13.75 8.15
C GLN A 523 19.38 15.27 8.32
N PHE A 524 19.54 16.03 7.23
CA PHE A 524 19.71 17.48 7.42
C PHE A 524 18.38 18.14 7.77
N LEU A 525 17.36 17.93 6.96
CA LEU A 525 16.15 18.69 7.25
C LEU A 525 15.58 18.42 8.64
N PRO A 526 15.46 17.14 9.06
CA PRO A 526 14.97 16.90 10.44
C PRO A 526 15.83 17.56 11.52
N LYS A 527 17.12 17.57 11.32
CA LYS A 527 17.97 18.27 12.27
C LYS A 527 17.66 19.77 12.27
N LEU A 528 17.46 20.36 11.10
CA LEU A 528 17.12 21.79 11.04
C LEU A 528 15.85 22.13 11.79
N LEU A 529 14.81 21.33 11.54
CA LEU A 529 13.50 21.54 12.11
C LEU A 529 13.51 21.30 13.62
N ASN A 530 14.30 20.36 14.11
CA ASN A 530 14.49 20.24 15.57
C ASN A 530 15.24 21.39 16.23
N ALA A 531 16.16 22.01 15.52
CA ALA A 531 16.99 22.99 16.18
C ALA A 531 16.22 24.29 16.20
N THR A 532 15.63 24.64 15.06
CA THR A 532 14.82 25.87 14.86
C THR A 532 13.35 25.59 15.12
C1 NAG B . 20.73 -15.50 6.03
C2 NAG B . 22.11 -15.05 5.62
C3 NAG B . 22.98 -16.27 5.36
C4 NAG B . 23.05 -17.19 6.57
C5 NAG B . 21.66 -17.62 7.04
C6 NAG B . 21.88 -18.20 8.46
C7 NAG B . 22.31 -12.89 4.51
C8 NAG B . 22.29 -12.08 3.26
N2 NAG B . 22.11 -14.21 4.41
O3 NAG B . 24.25 -15.71 5.14
O4 NAG B . 23.91 -18.29 6.29
O5 NAG B . 20.75 -16.49 7.07
O6 NAG B . 20.82 -18.14 9.39
O7 NAG B . 22.48 -12.32 5.59
C1 NAG B . 24.81 -18.60 7.34
C2 NAG B . 25.12 -20.09 7.32
C3 NAG B . 26.36 -20.45 8.13
C4 NAG B . 27.42 -19.38 8.22
C5 NAG B . 26.82 -17.98 8.25
C6 NAG B . 27.88 -16.93 8.02
C7 NAG B . 23.23 -21.53 6.98
C8 NAG B . 22.12 -22.29 7.60
N2 NAG B . 24.02 -20.89 7.81
O3 NAG B . 26.98 -21.58 7.52
O4 NAG B . 28.21 -19.69 9.37
O5 NAG B . 25.97 -17.89 7.13
O6 NAG B . 28.57 -17.33 6.86
O7 NAG B . 23.39 -21.52 5.80
C1 NAG C . -23.54 -18.92 -6.17
C2 NAG C . -24.47 -19.87 -6.87
C3 NAG C . -24.42 -19.69 -8.38
C4 NAG C . -24.77 -18.28 -8.73
C5 NAG C . -23.76 -17.38 -8.06
C6 NAG C . -24.04 -15.93 -8.41
C7 NAG C . -24.98 -21.99 -6.06
C8 NAG C . -24.90 -23.41 -6.49
N2 NAG C . -24.11 -21.22 -6.64
O3 NAG C . -25.37 -20.57 -8.98
O4 NAG C . -24.73 -18.17 -10.16
O5 NAG C . -23.80 -17.60 -6.65
O6 NAG C . -24.95 -15.31 -7.51
O7 NAG C . -25.76 -21.58 -5.24
C1 NAG D . -7.38 -0.47 -27.42
C2 NAG D . -8.46 -0.03 -26.45
C3 NAG D . -9.80 0.43 -27.05
C4 NAG D . -9.66 1.47 -28.18
C5 NAG D . -8.60 0.87 -29.15
C6 NAG D . -8.39 1.69 -30.46
C7 NAG D . -8.60 -0.91 -24.20
C8 NAG D . -8.96 -2.09 -23.33
N2 NAG D . -8.75 -1.08 -25.51
O3 NAG D . -10.52 1.07 -26.05
O4 NAG D . -10.98 1.88 -28.65
O5 NAG D . -7.36 0.54 -28.44
O6 NAG D . -7.45 2.76 -30.35
O7 NAG D . -8.17 0.12 -23.69
S10 03S E . -0.69 5.54 -1.28
O11 03S E . -1.14 5.77 -2.63
O12 03S E . -1.61 4.52 -0.70
C13 03S E . -0.85 6.93 -0.44
C2 AE4 F . -9.20 16.22 -0.71
C3 AE4 F . -9.90 14.90 -1.11
O4 AE4 F . -9.03 14.04 -1.95
C5 AE4 F . -8.06 13.40 -1.15
C6 AE4 F . -6.70 13.02 -1.83
O7 AE4 F . -6.78 12.50 -3.16
C8 AE4 F . -5.51 12.02 -3.69
C9 AE4 F . -5.93 11.21 -4.97
C11 AE4 F . -5.38 9.59 -6.63
O10 AE4 F . -4.86 10.63 -5.77
C12 AE4 F . -5.29 8.27 -5.80
O13 AE4 F . -5.47 7.09 -6.60
C14 AE4 F . -4.31 6.40 -7.05
C15 AE4 F . -4.02 5.40 -5.94
O16 AE4 F . -2.87 4.60 -6.27
C17 AE4 F . -3.01 3.20 -6.05
C18 AE4 F . -3.40 2.82 -4.59
O19 AE4 F . -2.34 3.03 -3.65
#